data_8VJF
#
_entry.id   8VJF
#
_cell.length_a   68.867
_cell.length_b   68.867
_cell.length_c   78.738
_cell.angle_alpha   90.000
_cell.angle_beta   90.000
_cell.angle_gamma   120.000
#
_symmetry.space_group_name_H-M   'P 31 2 1'
#
loop_
_entity.id
_entity.type
_entity.pdbx_description
1 polymer 'Peptidyl-prolyl cis-trans isomerase NIMA-interacting 1'
2 polymer 'inhibitor 158D9'
3 non-polymer 3,6,9,12,15,18-HEXAOXAICOSANE-1,20-DIOL
4 non-polymer 2,3-DIHYDROXY-1,4-DITHIOBUTANE
5 non-polymer 'SULFATE ION'
6 water water
#
loop_
_entity_poly.entity_id
_entity_poly.type
_entity_poly.pdbx_seq_one_letter_code
_entity_poly.pdbx_strand_id
1 'polypeptide(L)'
;GSHMADEEKLPPGWEKAMSRSSGRVYYFNHITNASQWERPSGNSSSGGKNGQGEPARVRCSHLLVKHSQSRRPSSWRQEK
ITRTKEEALELINGYIQKIKSGEEDFESLASQFSDCSSAKARGDLGAFSRGQMQKPFEDASFALRTGEMSGPVFTDSGIH
IILRTE
;
A
2 'polypeptide(L)' (ACE)(MTY)(YCP)W(NH2) B
#
# COMPACT_ATOMS: atom_id res chain seq x y z
N LEU A 10 -5.16 20.92 -7.08
CA LEU A 10 -4.62 19.98 -6.10
C LEU A 10 -5.55 18.78 -5.94
N PRO A 11 -5.13 17.64 -6.48
CA PRO A 11 -6.01 16.46 -6.57
C PRO A 11 -6.51 16.01 -5.20
N PRO A 12 -7.54 15.16 -5.15
CA PRO A 12 -8.17 14.83 -3.87
C PRO A 12 -7.20 14.16 -2.90
N GLY A 13 -7.10 14.74 -1.70
CA GLY A 13 -6.32 14.16 -0.64
C GLY A 13 -4.91 14.70 -0.50
N TRP A 14 -4.47 15.56 -1.42
CA TRP A 14 -3.08 16.02 -1.43
C TRP A 14 -2.94 17.33 -0.66
N GLU A 15 -1.84 17.43 0.10
CA GLU A 15 -1.50 18.67 0.80
C GLU A 15 0.00 18.94 0.65
N LYS A 16 0.37 20.18 0.89
CA LYS A 16 1.76 20.62 0.84
C LYS A 16 2.35 20.62 2.24
N ALA A 17 3.60 20.21 2.36
CA ALA A 17 4.27 20.19 3.66
C ALA A 17 5.75 20.50 3.51
N MET A 18 6.42 20.64 4.64
CA MET A 18 7.83 21.00 4.70
C MET A 18 8.63 19.82 5.25
N SER A 19 9.63 19.38 4.49
CA SER A 19 10.49 18.30 4.95
C SER A 19 11.26 18.72 6.19
N ARG A 20 11.35 17.80 7.15
CA ARG A 20 12.15 18.03 8.35
C ARG A 20 13.64 18.10 8.03
N SER A 21 14.11 17.18 7.18
CA SER A 21 15.55 17.06 6.95
C SER A 21 16.08 18.25 6.17
N SER A 22 15.38 18.61 5.09
CA SER A 22 15.90 19.56 4.12
C SER A 22 15.17 20.89 4.10
N GLY A 23 13.99 20.98 4.69
CA GLY A 23 13.23 22.20 4.60
C GLY A 23 12.60 22.45 3.25
N ARG A 24 12.75 21.52 2.31
CA ARG A 24 12.12 21.63 1.00
C ARG A 24 10.66 21.21 1.06
N VAL A 25 9.86 21.87 0.24
CA VAL A 25 8.44 21.55 0.12
C VAL A 25 8.28 20.14 -0.44
N TYR A 26 7.27 19.42 0.03
CA TYR A 26 6.90 18.16 -0.60
C TYR A 26 5.39 18.02 -0.53
N TYR A 27 4.88 16.93 -1.07
CA TYR A 27 3.44 16.70 -1.16
C TYR A 27 3.07 15.38 -0.51
N PHE A 28 1.99 15.40 0.25
CA PHE A 28 1.56 14.24 1.01
C PHE A 28 0.08 14.02 0.75
N ASN A 29 -0.33 12.77 0.61
CA ASN A 29 -1.74 12.43 0.43
C ASN A 29 -2.20 11.68 1.67
N HIS A 30 -3.13 12.27 2.42
CA HIS A 30 -3.54 11.63 3.66
C HIS A 30 -4.45 10.43 3.44
N ILE A 31 -4.99 10.24 2.23
CA ILE A 31 -5.85 9.09 1.98
C ILE A 31 -5.02 7.86 1.60
N THR A 32 -3.98 8.05 0.80
CA THR A 32 -3.12 6.96 0.38
C THR A 32 -1.85 6.86 1.19
N ASN A 33 -1.54 7.88 2.00
CA ASN A 33 -0.30 7.99 2.74
C ASN A 33 0.92 8.02 1.81
N ALA A 34 0.69 8.38 0.57
CA ALA A 34 1.79 8.65 -0.37
C ALA A 34 2.45 9.99 -0.10
N SER A 35 3.76 10.06 -0.36
CA SER A 35 4.51 11.29 -0.24
C SER A 35 5.53 11.36 -1.37
N GLN A 36 5.77 12.57 -1.87
CA GLN A 36 6.64 12.78 -3.03
C GLN A 36 7.08 14.24 -3.09
N TRP A 37 8.21 14.48 -3.77
CA TRP A 37 8.73 15.84 -3.91
C TRP A 37 7.99 16.62 -4.98
N GLU A 38 7.65 15.96 -6.08
CA GLU A 38 7.07 16.59 -7.25
C GLU A 38 5.59 16.88 -7.04
N ARG A 39 5.11 17.98 -7.62
CA ARG A 39 3.69 18.32 -7.51
C ARG A 39 2.87 17.26 -8.22
N PRO A 40 1.77 16.78 -7.63
CA PRO A 40 1.00 15.71 -8.27
C PRO A 40 0.08 16.20 -9.36
N SER A 41 -0.12 15.34 -10.36
CA SER A 41 -1.07 15.55 -11.47
C SER A 41 -0.96 16.93 -12.11
N GLU A 54 -13.87 10.50 -10.76
CA GLU A 54 -13.42 9.22 -10.18
C GLU A 54 -13.91 8.05 -11.02
N PRO A 55 -13.00 7.12 -11.33
CA PRO A 55 -13.38 5.97 -12.16
C PRO A 55 -14.32 5.02 -11.43
N ALA A 56 -15.19 4.37 -12.20
CA ALA A 56 -16.13 3.42 -11.61
C ALA A 56 -15.41 2.20 -11.05
N ARG A 57 -14.35 1.75 -11.71
CA ARG A 57 -13.59 0.60 -11.27
C ARG A 57 -12.10 0.91 -11.35
N VAL A 58 -11.33 0.30 -10.44
CA VAL A 58 -9.88 0.32 -10.50
C VAL A 58 -9.39 -1.11 -10.35
N ARG A 59 -8.19 -1.35 -10.86
CA ARG A 59 -7.51 -2.61 -10.63
C ARG A 59 -6.27 -2.32 -9.79
N CYS A 60 -6.03 -3.14 -8.76
CA CYS A 60 -4.89 -2.92 -7.88
C CYS A 60 -4.15 -4.22 -7.60
N SER A 61 -2.86 -4.09 -7.31
CA SER A 61 -2.09 -5.12 -6.65
C SER A 61 -1.75 -4.62 -5.25
N HIS A 62 -1.42 -5.54 -4.35
CA HIS A 62 -1.04 -5.11 -3.02
C HIS A 62 -0.01 -6.08 -2.43
N LEU A 63 0.68 -5.59 -1.40
CA LEU A 63 1.56 -6.41 -0.58
C LEU A 63 1.09 -6.24 0.85
N LEU A 64 0.71 -7.32 1.49
CA LEU A 64 0.18 -7.27 2.85
C LEU A 64 1.24 -7.77 3.82
N VAL A 65 1.50 -7.01 4.90
CA VAL A 65 2.27 -7.52 6.02
C VAL A 65 1.33 -7.63 7.20
N LYS A 66 1.18 -8.85 7.72
CA LYS A 66 0.31 -9.09 8.86
C LYS A 66 1.08 -8.90 10.17
N HIS A 67 0.33 -8.82 11.27
CA HIS A 67 0.93 -8.65 12.58
C HIS A 67 0.05 -9.37 13.61
N SER A 68 0.47 -9.33 14.87
CA SER A 68 -0.16 -10.18 15.89
C SER A 68 -1.60 -9.78 16.17
N GLN A 69 -2.02 -8.57 15.81
CA GLN A 69 -3.40 -8.13 16.00
C GLN A 69 -4.20 -8.17 14.70
N SER A 70 -3.66 -8.76 13.63
CA SER A 70 -4.46 -8.99 12.44
C SER A 70 -5.66 -9.88 12.79
N ARG A 71 -6.76 -9.66 12.07
CA ARG A 71 -7.97 -10.47 12.31
C ARG A 71 -7.66 -11.95 12.22
N ARG A 72 -6.89 -12.38 11.22
CA ARG A 72 -6.41 -13.75 11.10
C ARG A 72 -4.89 -13.69 11.08
N PRO A 73 -4.23 -13.82 12.24
CA PRO A 73 -2.75 -13.70 12.30
C PRO A 73 -2.06 -14.96 11.79
N SER A 74 -2.27 -15.25 10.52
CA SER A 74 -1.80 -16.47 9.86
C SER A 74 -1.70 -16.17 8.38
N SER A 75 -0.72 -16.80 7.71
CA SER A 75 -0.60 -16.66 6.27
C SER A 75 0.10 -17.89 5.71
N TRP A 76 0.15 -17.96 4.38
CA TRP A 76 0.93 -19.00 3.72
C TRP A 76 2.40 -18.95 4.15
N ARG A 77 2.90 -17.80 4.59
CA ARG A 77 4.31 -17.68 4.98
C ARG A 77 4.57 -18.20 6.38
N GLN A 78 3.57 -18.12 7.27
CA GLN A 78 3.82 -18.35 8.69
C GLN A 78 2.50 -18.76 9.33
N GLU A 79 2.48 -19.93 9.99
CA GLU A 79 1.21 -20.40 10.54
C GLU A 79 0.72 -19.52 11.68
N LYS A 80 1.65 -19.01 12.50
CA LYS A 80 1.34 -18.09 13.59
C LYS A 80 2.17 -16.83 13.41
N ILE A 81 1.52 -15.73 13.08
CA ILE A 81 2.24 -14.48 12.87
C ILE A 81 2.31 -13.74 14.20
N THR A 82 3.55 -13.48 14.65
CA THR A 82 3.83 -12.97 15.97
C THR A 82 4.38 -11.56 15.96
N ARG A 83 4.79 -11.04 14.82
CA ARG A 83 5.41 -9.73 14.79
C ARG A 83 4.44 -8.67 15.29
N THR A 84 4.98 -7.63 15.93
CA THR A 84 4.11 -6.57 16.39
C THR A 84 3.68 -5.70 15.23
N LYS A 85 2.61 -4.93 15.45
CA LYS A 85 2.20 -3.98 14.42
C LYS A 85 3.32 -3.02 14.06
N GLU A 86 4.10 -2.60 15.06
CA GLU A 86 5.21 -1.69 14.81
C GLU A 86 6.28 -2.36 13.96
N GLU A 87 6.53 -3.65 14.21
CA GLU A 87 7.49 -4.38 13.38
C GLU A 87 6.98 -4.58 11.96
N ALA A 88 5.67 -4.79 11.81
CA ALA A 88 5.09 -4.89 10.47
C ALA A 88 5.23 -3.58 9.72
N LEU A 89 5.01 -2.45 10.41
CA LEU A 89 5.17 -1.16 9.75
C LEU A 89 6.60 -0.94 9.29
N GLU A 90 7.58 -1.35 10.11
CA GLU A 90 8.97 -1.21 9.69
C GLU A 90 9.26 -2.05 8.46
N LEU A 91 8.68 -3.26 8.38
CA LEU A 91 8.86 -4.08 7.19
C LEU A 91 8.28 -3.38 5.97
N ILE A 92 7.07 -2.83 6.11
CA ILE A 92 6.40 -2.13 5.03
C ILE A 92 7.24 -0.93 4.57
N ASN A 93 7.75 -0.16 5.53
CA ASN A 93 8.60 0.99 5.19
C ASN A 93 9.82 0.56 4.41
N GLY A 94 10.46 -0.54 4.79
CA GLY A 94 11.63 -1.01 4.07
C GLY A 94 11.31 -1.50 2.67
N TYR A 95 10.15 -2.13 2.48
CA TYR A 95 9.75 -2.53 1.13
C TYR A 95 9.51 -1.30 0.27
N ILE A 96 8.82 -0.29 0.82
CA ILE A 96 8.57 0.93 0.07
C ILE A 96 9.89 1.57 -0.33
N GLN A 97 10.89 1.55 0.56
CA GLN A 97 12.18 2.13 0.20
C GLN A 97 12.81 1.42 -0.98
N LYS A 98 12.80 0.09 -0.96
CA LYS A 98 13.42 -0.69 -2.03
C LYS A 98 12.65 -0.53 -3.35
N ILE A 99 11.33 -0.43 -3.27
CA ILE A 99 10.56 -0.21 -4.50
C ILE A 99 10.86 1.16 -5.08
N LYS A 100 10.88 2.19 -4.22
CA LYS A 100 11.13 3.54 -4.73
C LYS A 100 12.56 3.74 -5.22
N SER A 101 13.55 3.03 -4.65
CA SER A 101 14.91 3.12 -5.14
C SER A 101 15.12 2.31 -6.40
N GLY A 102 14.17 1.47 -6.77
CA GLY A 102 14.35 0.56 -7.89
C GLY A 102 15.21 -0.64 -7.58
N GLU A 103 15.68 -0.80 -6.34
CA GLU A 103 16.44 -1.99 -5.97
C GLU A 103 15.58 -3.24 -6.12
N GLU A 104 14.29 -3.13 -5.87
CA GLU A 104 13.36 -4.24 -6.03
C GLU A 104 12.12 -3.74 -6.73
N ASP A 105 11.44 -4.66 -7.37
CA ASP A 105 10.18 -4.41 -8.03
C ASP A 105 9.02 -4.75 -7.09
N PHE A 106 7.93 -3.97 -7.16
CA PHE A 106 6.75 -4.25 -6.33
C PHE A 106 6.31 -5.69 -6.45
N GLU A 107 6.12 -6.17 -7.68
CA GLU A 107 5.60 -7.52 -7.90
C GLU A 107 6.51 -8.59 -7.31
N SER A 108 7.82 -8.39 -7.43
CA SER A 108 8.77 -9.34 -6.87
C SER A 108 8.65 -9.41 -5.36
N LEU A 109 8.52 -8.26 -4.70
CA LEU A 109 8.37 -8.31 -3.25
C LEU A 109 7.01 -8.87 -2.87
N ALA A 110 5.96 -8.55 -3.63
CA ALA A 110 4.66 -9.09 -3.29
C ALA A 110 4.66 -10.61 -3.42
N SER A 111 5.28 -11.11 -4.48
CA SER A 111 5.34 -12.56 -4.71
C SER A 111 6.07 -13.29 -3.60
N GLN A 112 7.05 -12.64 -2.99
CA GLN A 112 7.90 -13.28 -2.00
C GLN A 112 7.40 -13.09 -0.59
N PHE A 113 6.82 -11.94 -0.29
CA PHE A 113 6.67 -11.51 1.09
C PHE A 113 5.26 -11.12 1.50
N SER A 114 4.30 -11.06 0.59
CA SER A 114 2.95 -10.68 1.00
C SER A 114 2.30 -11.81 1.80
N ASP A 115 1.69 -11.46 2.94
CA ASP A 115 1.02 -12.42 3.82
C ASP A 115 -0.40 -12.72 3.34
N CYS A 116 -0.49 -13.15 2.10
CA CYS A 116 -1.77 -13.21 1.42
C CYS A 116 -1.65 -14.17 0.24
N SER A 117 -2.71 -14.95 -0.02
CA SER A 117 -2.67 -15.87 -1.15
C SER A 117 -2.50 -15.15 -2.48
N SER A 118 -2.83 -13.86 -2.54
CA SER A 118 -2.62 -13.09 -3.76
C SER A 118 -1.14 -12.95 -4.11
N ALA A 119 -0.23 -13.33 -3.22
CA ALA A 119 1.20 -13.33 -3.55
C ALA A 119 1.50 -14.19 -4.78
N LYS A 120 0.77 -15.31 -4.93
CA LYS A 120 0.99 -16.16 -6.10
C LYS A 120 0.65 -15.45 -7.40
N ALA A 121 -0.18 -14.40 -7.34
CA ALA A 121 -0.52 -13.59 -8.49
C ALA A 121 0.25 -12.26 -8.51
N ARG A 122 1.43 -12.23 -7.89
CA ARG A 122 2.26 -11.03 -7.80
C ARG A 122 1.48 -9.88 -7.18
N GLY A 123 0.55 -10.21 -6.30
CA GLY A 123 -0.21 -9.21 -5.57
C GLY A 123 -1.49 -8.78 -6.23
N ASP A 124 -1.76 -9.20 -7.47
CA ASP A 124 -2.91 -8.71 -8.20
C ASP A 124 -4.23 -9.13 -7.54
N LEU A 125 -5.11 -8.15 -7.33
CA LEU A 125 -6.45 -8.43 -6.84
C LEU A 125 -7.53 -8.36 -7.91
N GLY A 126 -7.18 -7.95 -9.13
CA GLY A 126 -8.17 -7.72 -10.15
C GLY A 126 -8.85 -6.38 -10.00
N ALA A 127 -9.89 -6.18 -10.79
CA ALA A 127 -10.67 -4.95 -10.76
C ALA A 127 -11.79 -5.05 -9.74
N PHE A 128 -12.18 -3.91 -9.19
CA PHE A 128 -13.29 -3.82 -8.25
C PHE A 128 -13.85 -2.40 -8.30
N SER A 129 -15.11 -2.27 -7.90
CA SER A 129 -15.75 -0.98 -7.74
C SER A 129 -15.86 -0.65 -6.25
N ARG A 130 -16.35 0.54 -5.95
CA ARG A 130 -16.60 0.88 -4.57
C ARG A 130 -17.68 -0.03 -3.99
N GLY A 131 -17.57 -0.30 -2.70
CA GLY A 131 -18.52 -1.15 -2.01
C GLY A 131 -18.14 -2.61 -1.94
N GLN A 132 -16.91 -2.97 -2.33
CA GLN A 132 -16.45 -4.34 -2.30
C GLN A 132 -15.34 -4.60 -1.30
N MET A 133 -14.41 -3.66 -1.13
CA MET A 133 -13.23 -3.85 -0.29
C MET A 133 -13.37 -3.09 1.03
N GLN A 134 -12.51 -3.45 1.99
CA GLN A 134 -12.48 -2.74 3.27
C GLN A 134 -12.22 -1.26 3.05
N LYS A 135 -12.86 -0.43 3.86
CA LYS A 135 -12.90 1.00 3.56
C LYS A 135 -11.54 1.67 3.41
N PRO A 136 -10.56 1.47 4.30
CA PRO A 136 -9.27 2.15 4.10
C PRO A 136 -8.61 1.73 2.81
N PHE A 137 -8.80 0.47 2.41
CA PHE A 137 -8.20 -0.03 1.18
C PHE A 137 -8.90 0.54 -0.04
N GLU A 138 -10.25 0.58 -0.01
CA GLU A 138 -11.01 1.17 -1.09
C GLU A 138 -10.66 2.65 -1.29
N ASP A 139 -10.67 3.44 -0.21
CA ASP A 139 -10.41 4.87 -0.34
C ASP A 139 -9.06 5.12 -0.93
N ALA A 140 -8.05 4.39 -0.49
CA ALA A 140 -6.71 4.59 -1.02
C ALA A 140 -6.65 4.18 -2.49
N SER A 141 -7.30 3.06 -2.82
CA SER A 141 -7.26 2.58 -4.21
C SER A 141 -7.85 3.60 -5.16
N PHE A 142 -9.00 4.19 -4.82
CA PHE A 142 -9.64 5.11 -5.74
C PHE A 142 -9.04 6.51 -5.71
N ALA A 143 -8.20 6.82 -4.72
CA ALA A 143 -7.47 8.07 -4.68
C ALA A 143 -6.15 8.00 -5.44
N LEU A 144 -5.70 6.80 -5.80
CA LEU A 144 -4.48 6.66 -6.59
C LEU A 144 -4.75 6.91 -8.06
N ARG A 145 -3.74 7.42 -8.75
CA ARG A 145 -3.76 7.50 -10.20
C ARG A 145 -3.17 6.21 -10.76
N THR A 146 -3.50 5.92 -12.02
CA THR A 146 -2.98 4.72 -12.65
C THR A 146 -1.47 4.71 -12.60
N GLY A 147 -0.90 3.64 -12.07
CA GLY A 147 0.54 3.51 -11.95
C GLY A 147 1.11 3.98 -10.63
N GLU A 148 0.29 4.62 -9.80
CA GLU A 148 0.75 5.20 -8.55
C GLU A 148 0.68 4.19 -7.41
N MET A 149 1.56 4.36 -6.42
CA MET A 149 1.68 3.47 -5.28
C MET A 149 1.31 4.22 -4.00
N SER A 150 0.69 3.52 -3.08
CA SER A 150 0.35 4.13 -1.80
C SER A 150 1.52 4.08 -0.84
N GLY A 151 1.35 4.76 0.30
CA GLY A 151 2.14 4.49 1.47
C GLY A 151 1.49 3.38 2.26
N PRO A 152 1.86 3.23 3.53
CA PRO A 152 1.23 2.20 4.36
C PRO A 152 -0.26 2.46 4.54
N VAL A 153 -1.07 1.46 4.24
CA VAL A 153 -2.52 1.55 4.38
C VAL A 153 -2.97 0.48 5.37
N PHE A 154 -3.67 0.89 6.41
CA PHE A 154 -4.00 0.00 7.52
C PHE A 154 -5.42 -0.53 7.40
N THR A 155 -5.58 -1.83 7.52
CA THR A 155 -6.91 -2.46 7.65
C THR A 155 -6.86 -3.46 8.79
N ASP A 156 -8.01 -4.09 9.06
CA ASP A 156 -8.03 -5.15 10.07
C ASP A 156 -7.15 -6.31 9.70
N SER A 157 -6.83 -6.49 8.40
CA SER A 157 -5.95 -7.58 7.96
C SER A 157 -4.49 -7.30 8.30
N GLY A 158 -4.10 -6.03 8.38
CA GLY A 158 -2.70 -5.71 8.56
C GLY A 158 -2.35 -4.45 7.82
N ILE A 159 -1.11 -4.33 7.33
CA ILE A 159 -0.65 -3.12 6.67
C ILE A 159 -0.39 -3.46 5.21
N HIS A 160 -0.93 -2.65 4.30
CA HIS A 160 -0.85 -2.88 2.86
C HIS A 160 0.00 -1.80 2.20
N ILE A 161 0.68 -2.21 1.12
CA ILE A 161 1.15 -1.29 0.08
C ILE A 161 0.29 -1.56 -1.14
N ILE A 162 -0.26 -0.52 -1.74
CA ILE A 162 -1.22 -0.70 -2.83
C ILE A 162 -0.66 -0.09 -4.11
N LEU A 163 -0.73 -0.84 -5.20
CA LEU A 163 -0.30 -0.34 -6.51
C LEU A 163 -1.52 -0.34 -7.43
N ARG A 164 -1.91 0.85 -7.91
CA ARG A 164 -3.01 0.92 -8.86
C ARG A 164 -2.48 0.64 -10.26
N THR A 165 -2.99 -0.40 -10.89
CA THR A 165 -2.50 -0.80 -12.22
C THR A 165 -3.44 -0.43 -13.35
N GLU A 166 -4.72 -0.24 -13.07
N GLU A 166 -4.73 -0.28 -13.08
CA GLU A 166 -5.67 0.25 -14.07
CA GLU A 166 -5.68 0.14 -14.10
C GLU A 166 -6.54 1.36 -13.50
C GLU A 166 -6.78 1.00 -13.48
N TRP B 4 -11.74 -8.20 1.42
CA TRP B 4 -13.13 -8.01 1.04
C TRP B 4 -13.82 -7.41 2.25
#